data_6L0O
#
_entry.id   6L0O
#
_cell.length_a   52.062
_cell.length_b   52.062
_cell.length_c   50.468
_cell.angle_alpha   90.000
_cell.angle_beta   90.000
_cell.angle_gamma   120.000
#
_symmetry.space_group_name_H-M   'P 61'
#
loop_
_entity.id
_entity.type
_entity.pdbx_description
1 polymer 'DNA helicase MCM8'
2 non-polymer 'SULFATE ION'
3 water water
#
_entity_poly.entity_id   1
_entity_poly.type   'polypeptide(L)'
_entity_poly.pdbx_seq_one_letter_code
;MARSMSNRSTAKRFISALNNVAERTYNNIFQFHQLRQIAKELNIQVADFENFIGSLNDQGYLLKKGPKVYQLQTMHHHHH
H
;
_entity_poly.pdbx_strand_id   A
#
loop_
_chem_comp.id
_chem_comp.type
_chem_comp.name
_chem_comp.formula
SO4 non-polymer 'SULFATE ION' 'O4 S -2'
#
# COMPACT_ATOMS: atom_id res chain seq x y z
N ARG A 8 0.99 -11.85 -8.45
CA ARG A 8 0.81 -10.44 -8.78
C ARG A 8 -0.61 -9.99 -8.49
N SER A 9 -1.57 -10.92 -8.49
N SER A 9 -1.56 -10.93 -8.51
CA SER A 9 -2.94 -10.55 -8.15
CA SER A 9 -2.93 -10.61 -8.14
C SER A 9 -3.04 -10.08 -6.71
C SER A 9 -3.01 -10.06 -6.72
N THR A 10 -2.22 -10.63 -5.81
CA THR A 10 -2.24 -10.19 -4.41
C THR A 10 -1.74 -8.75 -4.30
N ALA A 11 -0.56 -8.48 -4.88
CA ALA A 11 -0.04 -7.12 -4.88
C ALA A 11 -1.00 -6.16 -5.56
N LYS A 12 -1.62 -6.59 -6.66
CA LYS A 12 -2.57 -5.72 -7.35
C LYS A 12 -3.77 -5.41 -6.47
N ARG A 13 -4.27 -6.41 -5.74
CA ARG A 13 -5.41 -6.18 -4.86
C ARG A 13 -5.04 -5.19 -3.76
N PHE A 14 -3.83 -5.34 -3.21
CA PHE A 14 -3.37 -4.43 -2.17
C PHE A 14 -3.25 -3.01 -2.67
N ILE A 15 -2.61 -2.80 -3.82
CA ILE A 15 -2.50 -1.45 -4.39
C ILE A 15 -3.88 -0.88 -4.69
N SER A 16 -4.80 -1.70 -5.21
CA SER A 16 -6.16 -1.24 -5.47
CA SER A 16 -6.15 -1.21 -5.48
C SER A 16 -6.80 -0.70 -4.20
N ALA A 17 -6.61 -1.41 -3.08
CA ALA A 17 -7.14 -0.95 -1.80
C ALA A 17 -6.54 0.39 -1.43
N LEU A 18 -5.21 0.53 -1.53
CA LEU A 18 -4.59 1.80 -1.18
C LEU A 18 -5.10 2.92 -2.07
N ASN A 19 -5.22 2.65 -3.38
CA ASN A 19 -5.71 3.65 -4.31
C ASN A 19 -7.10 4.13 -3.90
N ASN A 20 -7.97 3.21 -3.51
CA ASN A 20 -9.32 3.57 -3.13
CA ASN A 20 -9.33 3.58 -3.15
C ASN A 20 -9.36 4.35 -1.83
N VAL A 21 -8.55 3.95 -0.85
CA VAL A 21 -8.49 4.71 0.40
C VAL A 21 -8.06 6.13 0.11
N ALA A 22 -7.01 6.28 -0.70
CA ALA A 22 -6.48 7.60 -0.97
C ALA A 22 -7.49 8.46 -1.71
N GLU A 23 -8.23 7.86 -2.65
CA GLU A 23 -9.25 8.59 -3.39
C GLU A 23 -10.36 9.05 -2.48
N ARG A 24 -10.86 8.14 -1.64
CA ARG A 24 -12.02 8.44 -0.81
C ARG A 24 -11.67 9.45 0.29
N THR A 25 -10.43 9.45 0.76
CA THR A 25 -10.03 10.29 1.88
C THR A 25 -9.19 11.49 1.49
N TYR A 26 -8.88 11.65 0.20
CA TYR A 26 -8.08 12.77 -0.27
C TYR A 26 -6.71 12.80 0.41
N ASN A 27 -6.12 11.62 0.62
CA ASN A 27 -4.91 11.52 1.42
C ASN A 27 -4.11 10.32 0.95
N ASN A 28 -2.85 10.53 0.54
CA ASN A 28 -2.01 9.45 0.02
C ASN A 28 -0.95 8.96 1.00
N ILE A 29 -1.05 9.34 2.26
CA ILE A 29 -0.04 8.98 3.26
C ILE A 29 -0.50 7.76 4.06
N PHE A 30 0.41 6.82 4.28
CA PHE A 30 0.15 5.62 5.08
C PHE A 30 1.36 5.32 5.95
N GLN A 31 1.12 5.09 7.24
CA GLN A 31 2.18 4.56 8.09
C GLN A 31 2.37 3.07 7.79
N PHE A 32 3.58 2.56 8.06
CA PHE A 32 3.86 1.15 7.84
C PHE A 32 2.82 0.24 8.48
N HIS A 33 2.50 0.48 9.76
CA HIS A 33 1.57 -0.41 10.44
C HIS A 33 0.17 -0.32 9.85
N GLN A 34 -0.19 0.84 9.30
CA GLN A 34 -1.47 0.98 8.63
C GLN A 34 -1.51 0.17 7.34
N LEU A 35 -0.42 0.16 6.59
CA LEU A 35 -0.30 -0.75 5.47
C LEU A 35 -0.47 -2.19 5.91
N ARG A 36 0.14 -2.56 7.04
CA ARG A 36 0.02 -3.93 7.52
C ARG A 36 -1.42 -4.28 7.86
N GLN A 37 -2.12 -3.35 8.50
N GLN A 37 -2.12 -3.35 8.51
CA GLN A 37 -3.51 -3.63 8.87
CA GLN A 37 -3.50 -3.61 8.87
C GLN A 37 -4.37 -3.82 7.63
C GLN A 37 -4.37 -3.82 7.63
N ILE A 38 -4.16 -3.01 6.60
CA ILE A 38 -4.91 -3.19 5.35
C ILE A 38 -4.62 -4.56 4.77
N ALA A 39 -3.34 -4.97 4.76
CA ALA A 39 -3.01 -6.28 4.22
C ALA A 39 -3.70 -7.38 5.00
N LYS A 40 -3.74 -7.26 6.34
CA LYS A 40 -4.44 -8.25 7.15
C LYS A 40 -5.92 -8.33 6.78
N GLU A 41 -6.56 -7.17 6.60
CA GLU A 41 -7.99 -7.17 6.26
C GLU A 41 -8.26 -7.87 4.93
N LEU A 42 -7.29 -7.84 4.02
CA LEU A 42 -7.40 -8.49 2.72
C LEU A 42 -6.88 -9.92 2.76
N ASN A 43 -6.50 -10.42 3.93
N ASN A 43 -6.51 -10.41 3.94
CA ASN A 43 -6.00 -11.79 4.08
CA ASN A 43 -5.97 -11.74 4.14
C ASN A 43 -4.77 -12.02 3.22
C ASN A 43 -4.79 -12.00 3.21
N ILE A 44 -3.93 -10.99 3.10
CA ILE A 44 -2.65 -11.13 2.43
C ILE A 44 -1.68 -11.70 3.43
N GLN A 45 -1.06 -12.82 3.08
CA GLN A 45 -0.08 -13.47 3.92
C GLN A 45 1.18 -13.58 3.09
N VAL A 46 2.24 -12.91 3.52
CA VAL A 46 3.53 -13.00 2.85
C VAL A 46 4.59 -13.38 3.88
N ALA A 47 5.72 -13.88 3.38
CA ALA A 47 6.79 -14.29 4.27
C ALA A 47 7.38 -13.10 5.03
N ASP A 48 7.50 -11.95 4.37
CA ASP A 48 8.14 -10.80 4.98
C ASP A 48 7.41 -9.55 4.51
N PHE A 49 6.59 -9.00 5.41
CA PHE A 49 5.80 -7.84 5.03
C PHE A 49 6.68 -6.63 4.71
N GLU A 50 7.76 -6.43 5.49
CA GLU A 50 8.61 -5.27 5.25
C GLU A 50 9.13 -5.24 3.82
N ASN A 51 9.62 -6.38 3.33
CA ASN A 51 10.16 -6.41 1.97
C ASN A 51 9.10 -6.57 0.90
N PHE A 52 7.91 -7.08 1.23
CA PHE A 52 6.77 -6.92 0.34
C PHE A 52 6.52 -5.44 0.07
N ILE A 53 6.43 -4.64 1.13
CA ILE A 53 6.29 -3.20 0.96
C ILE A 53 7.50 -2.63 0.22
N GLY A 54 8.70 -3.09 0.56
CA GLY A 54 9.89 -2.62 -0.14
C GLY A 54 9.82 -2.88 -1.63
N SER A 55 9.29 -4.03 -2.05
CA SER A 55 9.15 -4.33 -3.46
CA SER A 55 9.18 -4.29 -3.47
C SER A 55 8.19 -3.33 -4.14
N LEU A 56 7.13 -2.96 -3.44
CA LEU A 56 6.20 -1.98 -3.99
C LEU A 56 6.84 -0.59 -4.08
N ASN A 57 7.74 -0.28 -3.15
CA ASN A 57 8.57 0.92 -3.26
C ASN A 57 9.45 0.84 -4.50
N ASP A 58 10.15 -0.28 -4.68
CA ASP A 58 11.01 -0.46 -5.84
C ASP A 58 10.23 -0.28 -7.14
N GLN A 59 8.99 -0.78 -7.18
CA GLN A 59 8.18 -0.71 -8.39
C GLN A 59 7.63 0.70 -8.63
N GLY A 60 7.64 1.55 -7.62
CA GLY A 60 7.24 2.95 -7.74
C GLY A 60 5.93 3.30 -7.09
N TYR A 61 5.22 2.32 -6.54
CA TYR A 61 3.90 2.60 -5.99
C TYR A 61 3.97 3.40 -4.71
N LEU A 62 5.01 3.21 -3.91
CA LEU A 62 5.16 3.85 -2.63
C LEU A 62 6.50 4.56 -2.60
N LEU A 63 6.51 5.77 -2.06
CA LEU A 63 7.75 6.47 -1.80
C LEU A 63 7.90 6.69 -0.30
N LYS A 64 9.09 6.49 0.23
CA LYS A 64 9.30 6.68 1.66
C LYS A 64 9.33 8.17 2.00
N LYS A 65 8.67 8.50 3.10
CA LYS A 65 8.71 9.83 3.71
C LYS A 65 9.17 9.63 5.16
N GLY A 66 10.45 9.31 5.33
CA GLY A 66 10.94 8.75 6.55
C GLY A 66 10.76 7.26 6.53
N PRO A 67 11.46 6.56 7.42
CA PRO A 67 11.51 5.10 7.33
C PRO A 67 10.21 4.41 7.68
N LYS A 68 9.26 5.08 8.33
CA LYS A 68 8.03 4.43 8.78
C LYS A 68 6.77 4.89 8.05
N VAL A 69 6.88 5.84 7.13
CA VAL A 69 5.73 6.42 6.49
C VAL A 69 5.96 6.45 4.99
N TYR A 70 4.89 6.22 4.25
CA TYR A 70 4.95 6.11 2.80
C TYR A 70 3.89 7.00 2.17
N GLN A 71 4.22 7.48 0.95
CA GLN A 71 3.29 8.20 0.12
C GLN A 71 2.97 7.36 -1.10
N LEU A 72 1.69 7.07 -1.29
CA LEU A 72 1.23 6.35 -2.46
C LEU A 72 1.32 7.24 -3.69
N GLN A 73 1.83 6.67 -4.77
CA GLN A 73 1.99 7.32 -6.07
C GLN A 73 0.84 6.84 -6.95
N THR A 74 -0.16 7.69 -7.13
CA THR A 74 -1.41 7.29 -7.76
C THR A 74 -2.04 8.48 -8.45
N MET A 75 -2.81 8.20 -9.51
CA MET A 75 -3.78 9.14 -10.03
C MET A 75 -4.97 9.22 -9.06
N HIS A 76 -5.69 10.33 -9.10
CA HIS A 76 -6.96 10.38 -8.40
C HIS A 76 -7.97 11.11 -9.26
N HIS A 77 -9.24 11.04 -8.85
CA HIS A 77 -10.31 11.67 -9.60
C HIS A 77 -10.77 12.98 -9.01
N HIS A 78 -10.74 13.12 -7.69
CA HIS A 78 -11.19 14.34 -7.03
C HIS A 78 -10.30 15.51 -7.45
S SO4 B . 14.49 -0.03 1.59
O1 SO4 B . 15.84 -0.34 1.16
O2 SO4 B . 13.66 0.34 0.44
O3 SO4 B . 13.92 -1.18 2.28
O4 SO4 B . 14.53 1.11 2.53
S SO4 C . 4.32 -3.23 12.84
O1 SO4 C . 5.40 -3.96 12.18
O2 SO4 C . 4.75 -1.84 13.05
O3 SO4 C . 3.12 -3.24 11.99
O4 SO4 C . 4.01 -3.86 14.12
#